data_7QGP
#
_entry.id   7QGP
#
_cell.length_a   93.312
_cell.length_b   61.839
_cell.length_c   56.808
_cell.angle_alpha   90.000
_cell.angle_beta   102.790
_cell.angle_gamma   90.000
#
_symmetry.space_group_name_H-M   'C 1 2 1'
#
loop_
_entity.id
_entity.type
_entity.pdbx_description
1 polymer 'Serine/threonine-protein kinase 10'
2 non-polymer 1-[(4-chloranyl-2-methyl-phenyl)methyl]-3-(7,10-dioxa-13,17,18,21-tetrazatetracyclo[12.5.2.1^{2,6}.0^{17,20}]docosa-1(20),2(22),3,5,14(21),15,18-heptaen-5-yl)urea
3 non-polymer 1,2-ETHANEDIOL
4 non-polymer 'CHLORIDE ION'
5 water water
#
_entity_poly.entity_id   1
_entity_poly.type   'polypeptide(L)'
_entity_poly.pdbx_seq_one_letter_code
;SMRKSREYEHVRRDLDPNEVWEIVGELGDGAFGKVYKAKNKETGALAAAKVIETKSEEELEDYIVEIEILATCDHPYIVK
LLGAYYHDGKLWIMIEFCPGGAVDAIMLELDRGLTEPQIQVVCRQMLEALNFLHSKRIIHRDLKAGNVLMTLEGDIRLAD
FGVSAKNLKTLQKRDSFIGTPYWMAPEVVMCETMKDTPYDYKADIWSLGITLIEMAQIEPPHHELNPMRVLLKIAKSDPP
TLLTPSKWSVEFRDFLAIALDKNPETRPSAAQLLEHPFVSSITSNKALRELVAEAKAEVMEE
;
_entity_poly.pdbx_strand_id   A
#
# COMPACT_ATOMS: atom_id res chain seq x y z
N TYR A 8 -18.61 -16.56 3.60
CA TYR A 8 -18.77 -17.57 4.71
C TYR A 8 -17.39 -17.98 5.24
N GLU A 9 -16.50 -18.45 4.36
CA GLU A 9 -15.31 -19.28 4.70
C GLU A 9 -14.50 -18.65 5.84
N HIS A 10 -14.20 -17.35 5.77
CA HIS A 10 -13.21 -16.64 6.63
C HIS A 10 -13.89 -15.70 7.62
N VAL A 11 -15.22 -15.72 7.74
CA VAL A 11 -15.99 -14.79 8.61
C VAL A 11 -16.88 -15.59 9.56
N ARG A 12 -16.68 -15.44 10.88
CA ARG A 12 -17.44 -16.16 11.94
C ARG A 12 -18.65 -15.33 12.40
N ARG A 13 -19.69 -16.01 12.90
CA ARG A 13 -20.95 -15.40 13.44
C ARG A 13 -21.21 -15.94 14.86
N ASP A 14 -20.20 -16.53 15.50
CA ASP A 14 -20.33 -17.43 16.68
C ASP A 14 -19.70 -16.76 17.89
N LEU A 15 -18.40 -16.41 17.80
CA LEU A 15 -17.63 -15.72 18.86
C LEU A 15 -17.91 -14.21 18.75
N ASP A 16 -18.47 -13.61 19.80
CA ASP A 16 -18.52 -12.13 19.97
C ASP A 16 -17.08 -11.65 20.16
N PRO A 17 -16.54 -10.84 19.21
CA PRO A 17 -15.14 -10.43 19.24
C PRO A 17 -14.64 -9.86 20.58
N ASN A 18 -15.56 -9.25 21.35
CA ASN A 18 -15.29 -8.50 22.61
C ASN A 18 -14.71 -9.44 23.68
N GLU A 19 -14.94 -10.75 23.53
CA GLU A 19 -14.37 -11.83 24.40
C GLU A 19 -12.84 -11.86 24.28
N VAL A 20 -12.29 -11.60 23.08
CA VAL A 20 -10.85 -11.75 22.74
C VAL A 20 -10.19 -10.37 22.62
N TRP A 21 -10.86 -9.45 21.92
CA TRP A 21 -10.31 -8.20 21.38
C TRP A 21 -11.01 -6.98 21.99
N GLU A 22 -10.22 -6.02 22.46
CA GLU A 22 -10.64 -4.65 22.87
C GLU A 22 -10.14 -3.67 21.80
N ILE A 23 -11.01 -2.81 21.26
CA ILE A 23 -10.60 -1.66 20.40
C ILE A 23 -10.07 -0.57 21.34
N VAL A 24 -8.78 -0.26 21.27
CA VAL A 24 -8.06 0.56 22.29
C VAL A 24 -7.59 1.89 21.69
N GLY A 25 -7.64 2.05 20.36
CA GLY A 25 -7.15 3.27 19.71
C GLY A 25 -7.42 3.29 18.23
N GLU A 26 -6.99 4.39 17.59
CA GLU A 26 -6.97 4.56 16.11
C GLU A 26 -5.52 4.59 15.64
N LEU A 27 -5.24 3.91 14.53
CA LEU A 27 -3.91 3.91 13.86
C LEU A 27 -3.90 4.98 12.77
N GLY A 28 -5.05 5.18 12.10
CA GLY A 28 -5.14 6.16 11.00
C GLY A 28 -6.33 5.90 10.10
N ASP A 29 -6.23 6.41 8.87
CA ASP A 29 -7.33 6.41 7.88
C ASP A 29 -6.80 5.70 6.64
N GLY A 30 -7.54 4.69 6.16
CA GLY A 30 -7.26 4.00 4.90
C GLY A 30 -8.25 4.43 3.83
N ALA A 31 -8.39 3.63 2.78
CA ALA A 31 -9.21 3.92 1.58
C ALA A 31 -10.68 3.71 1.93
N PHE A 32 -10.97 2.99 3.01
CA PHE A 32 -12.35 2.67 3.45
C PHE A 32 -12.52 3.03 4.93
N GLY A 33 -12.03 4.22 5.33
CA GLY A 33 -12.29 4.79 6.67
C GLY A 33 -11.26 4.38 7.70
N LYS A 34 -11.66 4.40 8.98
CA LYS A 34 -10.73 4.28 10.14
C LYS A 34 -10.10 2.89 10.21
N VAL A 35 -8.83 2.87 10.57
CA VAL A 35 -8.12 1.62 10.97
C VAL A 35 -7.83 1.75 12.47
N TYR A 36 -8.25 0.77 13.24
CA TYR A 36 -8.19 0.79 14.72
C TYR A 36 -7.02 -0.07 15.20
N LYS A 37 -6.51 0.27 16.37
CA LYS A 37 -5.60 -0.60 17.16
C LYS A 37 -6.45 -1.43 18.12
N ALA A 38 -6.24 -2.75 18.13
CA ALA A 38 -6.93 -3.72 19.00
C ALA A 38 -5.91 -4.47 19.88
N LYS A 39 -6.29 -4.79 21.12
CA LYS A 39 -5.39 -5.45 22.10
C LYS A 39 -6.07 -6.71 22.65
N ASN A 40 -5.38 -7.84 22.55
CA ASN A 40 -5.72 -9.13 23.18
C ASN A 40 -5.78 -8.93 24.71
N LYS A 41 -6.94 -9.13 25.32
CA LYS A 41 -7.23 -8.75 26.74
C LYS A 41 -6.38 -9.58 27.72
N GLU A 42 -5.98 -10.80 27.35
CA GLU A 42 -5.25 -11.77 28.22
C GLU A 42 -3.73 -11.57 28.09
N THR A 43 -3.24 -11.46 26.85
CA THR A 43 -1.79 -11.51 26.47
C THR A 43 -1.21 -10.10 26.22
N GLY A 44 -2.06 -9.12 25.91
CA GLY A 44 -1.66 -7.74 25.54
C GLY A 44 -1.11 -7.65 24.13
N ALA A 45 -1.31 -8.69 23.30
CA ALA A 45 -0.87 -8.76 21.89
C ALA A 45 -1.78 -7.87 21.03
N LEU A 46 -1.22 -7.25 20.00
CA LEU A 46 -1.88 -6.15 19.26
C LEU A 46 -2.28 -6.63 17.86
N ALA A 47 -3.36 -6.07 17.32
CA ALA A 47 -3.78 -6.22 15.92
C ALA A 47 -4.23 -4.85 15.39
N ALA A 48 -4.18 -4.66 14.08
CA ALA A 48 -4.96 -3.63 13.36
C ALA A 48 -6.36 -4.17 13.14
N ALA A 49 -7.35 -3.30 13.00
CA ALA A 49 -8.76 -3.73 12.89
C ALA A 49 -9.55 -2.74 12.04
N LYS A 50 -10.41 -3.30 11.17
CA LYS A 50 -11.59 -2.62 10.59
C LYS A 50 -12.79 -3.04 11.43
N VAL A 51 -13.67 -2.10 11.82
CA VAL A 51 -14.98 -2.38 12.46
C VAL A 51 -16.06 -1.61 11.68
N ILE A 52 -16.70 -2.27 10.71
CA ILE A 52 -17.57 -1.63 9.69
C ILE A 52 -19.03 -1.93 10.00
N GLU A 53 -19.82 -0.89 10.27
CA GLU A 53 -21.28 -0.98 10.54
C GLU A 53 -21.98 -1.65 9.35
N GLU A 57 -27.25 -7.64 5.41
CA GLU A 57 -26.52 -8.79 4.81
C GLU A 57 -26.00 -8.42 3.41
N GLU A 58 -26.69 -7.53 2.68
CA GLU A 58 -26.22 -7.00 1.37
C GLU A 58 -24.79 -6.48 1.52
N GLU A 59 -24.59 -5.53 2.45
CA GLU A 59 -23.29 -4.85 2.69
C GLU A 59 -22.25 -5.90 3.12
N LEU A 60 -22.61 -6.82 4.02
CA LEU A 60 -21.71 -7.91 4.53
C LEU A 60 -21.03 -8.60 3.35
N GLU A 61 -21.79 -8.96 2.31
CA GLU A 61 -21.31 -9.67 1.09
C GLU A 61 -20.23 -8.85 0.37
N ASP A 62 -20.41 -7.53 0.29
CA ASP A 62 -19.57 -6.61 -0.53
C ASP A 62 -18.16 -6.50 0.06
N TYR A 63 -18.05 -6.51 1.39
CA TYR A 63 -16.77 -6.31 2.12
C TYR A 63 -15.93 -7.59 2.07
N ILE A 64 -16.56 -8.74 1.80
CA ILE A 64 -15.94 -10.10 1.86
C ILE A 64 -14.85 -10.21 0.79
N VAL A 65 -15.06 -9.57 -0.36
CA VAL A 65 -14.06 -9.52 -1.46
C VAL A 65 -12.72 -9.02 -0.90
N GLU A 66 -12.76 -8.01 -0.03
CA GLU A 66 -11.56 -7.37 0.58
C GLU A 66 -10.89 -8.35 1.55
N ILE A 67 -11.69 -9.09 2.32
CA ILE A 67 -11.21 -10.10 3.31
C ILE A 67 -10.51 -11.23 2.56
N GLU A 68 -11.08 -11.67 1.44
CA GLU A 68 -10.57 -12.79 0.62
C GLU A 68 -9.17 -12.47 0.10
N ILE A 69 -8.88 -11.20 -0.23
CA ILE A 69 -7.54 -10.77 -0.69
C ILE A 69 -6.48 -11.12 0.39
N LEU A 70 -6.67 -10.66 1.62
CA LEU A 70 -5.70 -10.89 2.72
C LEU A 70 -5.69 -12.39 3.10
N ALA A 71 -6.84 -13.06 3.09
CA ALA A 71 -6.97 -14.51 3.35
C ALA A 71 -6.16 -15.31 2.30
N THR A 72 -6.15 -14.87 1.04
CA THR A 72 -5.53 -15.56 -0.12
C THR A 72 -3.99 -15.46 -0.06
N CYS A 73 -3.45 -14.34 0.42
CA CYS A 73 -1.99 -14.06 0.39
C CYS A 73 -1.31 -14.73 1.60
N ASP A 74 -0.33 -15.60 1.33
CA ASP A 74 0.66 -16.08 2.32
C ASP A 74 2.05 -15.64 1.83
N HIS A 75 2.38 -14.36 2.08
CA HIS A 75 3.70 -13.78 1.77
C HIS A 75 4.08 -12.86 2.92
N PRO A 76 5.35 -12.88 3.40
CA PRO A 76 5.74 -12.04 4.52
C PRO A 76 5.45 -10.54 4.34
N TYR A 77 5.49 -10.04 3.10
CA TYR A 77 5.41 -8.58 2.80
C TYR A 77 3.97 -8.13 2.49
N ILE A 78 2.98 -8.96 2.84
CA ILE A 78 1.55 -8.57 2.77
C ILE A 78 0.92 -8.83 4.14
N VAL A 79 0.26 -7.82 4.71
CA VAL A 79 -0.38 -7.94 6.05
C VAL A 79 -1.23 -9.22 6.11
N LYS A 80 -1.11 -9.96 7.21
CA LYS A 80 -1.86 -11.22 7.44
C LYS A 80 -3.28 -10.89 7.95
N LEU A 81 -4.26 -11.72 7.54
CA LEU A 81 -5.61 -11.74 8.15
C LEU A 81 -5.53 -12.61 9.41
N LEU A 82 -5.87 -12.05 10.57
CA LEU A 82 -5.88 -12.79 11.86
C LEU A 82 -7.27 -13.36 12.15
N GLY A 83 -8.33 -12.80 11.57
CA GLY A 83 -9.71 -13.23 11.85
C GLY A 83 -10.72 -12.21 11.38
N ALA A 84 -11.94 -12.65 11.05
CA ALA A 84 -13.07 -11.77 10.68
C ALA A 84 -14.34 -12.28 11.37
N TYR A 85 -15.12 -11.36 11.94
CA TYR A 85 -16.31 -11.65 12.78
C TYR A 85 -17.44 -10.72 12.37
N TYR A 86 -18.65 -11.27 12.25
CA TYR A 86 -19.92 -10.52 12.10
C TYR A 86 -20.76 -10.77 13.35
N HIS A 87 -20.91 -9.73 14.18
CA HIS A 87 -21.60 -9.77 15.50
C HIS A 87 -22.22 -8.40 15.79
N ASP A 88 -23.54 -8.37 15.99
CA ASP A 88 -24.31 -7.17 16.43
C ASP A 88 -24.19 -6.06 15.38
N GLY A 89 -24.33 -6.40 14.09
CA GLY A 89 -24.44 -5.44 12.97
C GLY A 89 -23.11 -4.88 12.51
N LYS A 90 -22.00 -5.32 13.11
CA LYS A 90 -20.61 -4.84 12.84
C LYS A 90 -19.78 -5.97 12.22
N LEU A 91 -18.96 -5.64 11.23
CA LEU A 91 -17.96 -6.56 10.61
C LEU A 91 -16.56 -6.18 11.12
N TRP A 92 -15.97 -7.02 11.98
CA TRP A 92 -14.59 -6.89 12.51
C TRP A 92 -13.62 -7.64 11.58
N ILE A 93 -12.64 -6.94 11.02
CA ILE A 93 -11.54 -7.58 10.26
C ILE A 93 -10.27 -7.31 11.06
N MET A 94 -9.67 -8.37 11.59
CA MET A 94 -8.47 -8.30 12.45
C MET A 94 -7.25 -8.61 11.58
N ILE A 95 -6.30 -7.66 11.57
CA ILE A 95 -5.19 -7.61 10.58
C ILE A 95 -3.90 -7.47 11.37
N GLU A 96 -2.83 -8.08 10.84
CA GLU A 96 -1.45 -7.95 11.38
C GLU A 96 -1.15 -6.48 11.68
N PHE A 97 -0.72 -6.20 12.91
CA PHE A 97 -0.23 -4.87 13.34
C PHE A 97 1.25 -4.74 12.97
N CYS A 98 1.59 -3.64 12.30
CA CYS A 98 2.95 -3.27 11.83
C CYS A 98 3.48 -2.12 12.70
N PRO A 99 4.22 -2.43 13.78
CA PRO A 99 4.56 -1.43 14.80
C PRO A 99 5.45 -0.28 14.31
N GLY A 100 6.14 -0.44 13.18
CA GLY A 100 6.91 0.65 12.53
C GLY A 100 6.02 1.72 11.94
N GLY A 101 4.75 1.38 11.66
CA GLY A 101 3.78 2.32 11.05
C GLY A 101 4.04 2.50 9.56
N ALA A 102 3.36 3.49 8.98
CA ALA A 102 3.43 3.81 7.53
C ALA A 102 4.70 4.63 7.23
N VAL A 103 5.26 4.43 6.05
CA VAL A 103 6.51 5.11 5.60
C VAL A 103 6.27 6.62 5.51
N ASP A 104 5.08 7.06 5.08
CA ASP A 104 4.81 8.53 4.96
C ASP A 104 4.77 9.16 6.36
N ALA A 105 4.34 8.42 7.39
CA ALA A 105 4.29 8.92 8.79
C ALA A 105 5.73 9.07 9.32
N ILE A 106 6.58 8.10 9.00
CA ILE A 106 8.05 8.13 9.33
C ILE A 106 8.66 9.40 8.73
N MET A 107 8.37 9.69 7.46
CA MET A 107 8.91 10.89 6.77
C MET A 107 8.37 12.15 7.46
N LEU A 108 7.09 12.16 7.84
CA LEU A 108 6.48 13.30 8.56
C LEU A 108 7.18 13.48 9.91
N GLU A 109 7.37 12.39 10.66
CA GLU A 109 7.96 12.40 12.03
C GLU A 109 9.40 12.92 11.98
N LEU A 110 10.19 12.50 10.99
CA LEU A 110 11.63 12.88 10.86
C LEU A 110 11.80 14.13 9.98
N ASP A 111 10.73 14.57 9.31
CA ASP A 111 10.74 15.82 8.50
C ASP A 111 11.79 15.70 7.39
N ARG A 112 11.87 14.53 6.75
CA ARG A 112 12.80 14.32 5.61
C ARG A 112 12.42 13.05 4.85
N GLY A 113 12.95 12.92 3.63
CA GLY A 113 12.79 11.73 2.78
C GLY A 113 13.73 10.63 3.21
N LEU A 114 13.58 9.45 2.62
CA LEU A 114 14.45 8.28 2.88
C LEU A 114 15.76 8.48 2.12
N THR A 115 16.85 7.89 2.61
CA THR A 115 18.15 7.80 1.90
C THR A 115 18.00 6.79 0.77
N GLU A 116 18.95 6.75 -0.17
CA GLU A 116 18.87 5.78 -1.29
C GLU A 116 18.90 4.36 -0.74
N PRO A 117 19.83 4.00 0.18
CA PRO A 117 19.85 2.64 0.74
C PRO A 117 18.52 2.22 1.38
N GLN A 118 17.85 3.14 2.08
CA GLN A 118 16.50 2.91 2.67
C GLN A 118 15.50 2.63 1.55
N ILE A 119 15.52 3.43 0.48
CA ILE A 119 14.60 3.30 -0.69
C ILE A 119 14.84 1.94 -1.37
N GLN A 120 16.09 1.51 -1.44
CA GLN A 120 16.48 0.23 -2.09
C GLN A 120 15.87 -0.95 -1.33
N VAL A 121 15.85 -0.92 0.00
CA VAL A 121 15.23 -2.02 0.79
C VAL A 121 13.72 -2.00 0.52
N VAL A 122 13.09 -0.82 0.58
CA VAL A 122 11.62 -0.71 0.35
C VAL A 122 11.31 -1.23 -1.06
N CYS A 123 12.09 -0.81 -2.05
CA CYS A 123 11.88 -1.16 -3.48
C CYS A 123 11.98 -2.68 -3.66
N ARG A 124 13.05 -3.29 -3.15
CA ARG A 124 13.31 -4.75 -3.25
C ARG A 124 12.11 -5.51 -2.70
N GLN A 125 11.64 -5.12 -1.51
CA GLN A 125 10.57 -5.86 -0.80
C GLN A 125 9.23 -5.62 -1.49
N MET A 126 8.99 -4.39 -1.95
CA MET A 126 7.74 -4.08 -2.71
C MET A 126 7.69 -4.94 -3.99
N LEU A 127 8.82 -5.08 -4.69
CA LEU A 127 8.88 -5.90 -5.93
C LEU A 127 8.59 -7.37 -5.62
N GLU A 128 9.15 -7.90 -4.53
CA GLU A 128 8.91 -9.31 -4.14
C GLU A 128 7.40 -9.50 -3.85
N ALA A 129 6.79 -8.57 -3.12
CA ALA A 129 5.34 -8.59 -2.83
C ALA A 129 4.54 -8.55 -4.14
N LEU A 130 4.88 -7.64 -5.05
CA LEU A 130 4.15 -7.47 -6.33
C LEU A 130 4.34 -8.69 -7.22
N ASN A 131 5.51 -9.32 -7.20
CA ASN A 131 5.76 -10.54 -8.02
C ASN A 131 4.86 -11.66 -7.49
N PHE A 132 4.79 -11.79 -6.17
CA PHE A 132 3.89 -12.75 -5.50
C PHE A 132 2.42 -12.43 -5.89
N LEU A 133 2.00 -11.18 -5.78
CA LEU A 133 0.59 -10.78 -6.08
C LEU A 133 0.24 -11.14 -7.53
N HIS A 134 1.13 -10.89 -8.49
CA HIS A 134 0.85 -11.22 -9.93
C HIS A 134 0.67 -12.74 -10.07
N SER A 135 1.39 -13.54 -9.27
CA SER A 135 1.29 -15.02 -9.27
C SER A 135 -0.12 -15.44 -8.82
N LYS A 136 -0.80 -14.64 -8.00
CA LYS A 136 -2.18 -14.88 -7.52
C LYS A 136 -3.21 -14.14 -8.39
N ARG A 137 -2.75 -13.39 -9.39
CA ARG A 137 -3.58 -12.49 -10.24
C ARG A 137 -4.35 -11.50 -9.34
N ILE A 138 -3.68 -10.98 -8.31
CA ILE A 138 -4.20 -9.92 -7.42
C ILE A 138 -3.46 -8.61 -7.75
N ILE A 139 -4.19 -7.55 -8.07
CA ILE A 139 -3.59 -6.20 -8.28
C ILE A 139 -3.89 -5.37 -7.02
N HIS A 140 -2.89 -4.66 -6.48
CA HIS A 140 -3.08 -3.82 -5.28
C HIS A 140 -3.95 -2.61 -5.61
N ARG A 141 -3.55 -1.82 -6.61
CA ARG A 141 -4.32 -0.71 -7.23
C ARG A 141 -4.14 0.60 -6.45
N ASP A 142 -3.55 0.59 -5.25
CA ASP A 142 -3.37 1.83 -4.45
C ASP A 142 -2.02 1.86 -3.73
N LEU A 143 -0.91 1.58 -4.42
CA LEU A 143 0.43 1.72 -3.81
C LEU A 143 0.75 3.22 -3.62
N LYS A 144 1.36 3.53 -2.48
CA LYS A 144 1.84 4.87 -2.07
C LYS A 144 2.54 4.65 -0.73
N ALA A 145 3.37 5.60 -0.28
CA ALA A 145 4.11 5.43 1.00
C ALA A 145 3.14 5.21 2.17
N GLY A 146 1.91 5.73 2.09
CA GLY A 146 0.91 5.66 3.17
C GLY A 146 0.36 4.25 3.36
N ASN A 147 0.53 3.38 2.36
CA ASN A 147 0.01 1.98 2.37
C ASN A 147 1.16 0.97 2.50
N VAL A 148 2.39 1.44 2.68
CA VAL A 148 3.57 0.58 2.96
C VAL A 148 3.88 0.71 4.45
N LEU A 149 3.69 -0.36 5.20
CA LEU A 149 3.88 -0.38 6.67
C LEU A 149 5.19 -1.08 6.99
N MET A 150 5.72 -0.82 8.18
CA MET A 150 7.06 -1.27 8.64
C MET A 150 6.91 -2.13 9.90
N THR A 151 7.69 -3.19 9.99
CA THR A 151 7.93 -3.94 11.24
C THR A 151 9.12 -3.28 11.94
N LEU A 152 9.36 -3.59 13.21
CA LEU A 152 10.52 -3.06 13.97
C LEU A 152 11.81 -3.72 13.46
N GLU A 153 11.69 -4.90 12.86
CA GLU A 153 12.84 -5.69 12.35
C GLU A 153 13.30 -5.09 11.01
N GLY A 154 12.48 -4.23 10.40
CA GLY A 154 12.84 -3.42 9.23
C GLY A 154 12.34 -4.03 7.94
N ASP A 155 11.22 -4.76 7.97
CA ASP A 155 10.57 -5.28 6.74
C ASP A 155 9.28 -4.50 6.48
N ILE A 156 8.85 -4.48 5.23
CA ILE A 156 7.57 -3.81 4.83
C ILE A 156 6.44 -4.83 4.94
N ARG A 157 5.21 -4.32 5.01
CA ARG A 157 3.95 -5.04 4.72
C ARG A 157 3.10 -4.10 3.86
N LEU A 158 2.61 -4.57 2.71
CA LEU A 158 1.56 -3.86 1.96
C LEU A 158 0.23 -4.07 2.68
N ALA A 159 -0.56 -3.01 2.78
CA ALA A 159 -1.92 -3.00 3.36
C ALA A 159 -2.81 -2.14 2.46
N ASP A 160 -4.10 -2.05 2.75
CA ASP A 160 -5.01 -1.07 2.13
C ASP A 160 -5.12 -1.34 0.63
N PHE A 161 -5.33 -2.60 0.24
CA PHE A 161 -5.60 -2.99 -1.17
C PHE A 161 -6.79 -2.19 -1.69
N GLY A 162 -6.70 -1.71 -2.94
CA GLY A 162 -7.77 -0.95 -3.61
C GLY A 162 -9.07 -1.72 -3.56
N VAL A 163 -10.17 -1.01 -3.28
CA VAL A 163 -11.50 -1.62 -3.01
C VAL A 163 -12.22 -1.98 -4.32
N SER A 164 -13.28 -2.77 -4.19
CA SER A 164 -14.17 -3.25 -5.28
C SER A 164 -14.96 -2.08 -5.87
N ALA A 165 -15.60 -2.30 -7.02
CA ALA A 165 -16.57 -1.37 -7.64
C ALA A 165 -17.68 -1.03 -6.64
N LYS A 166 -18.26 -2.04 -5.98
CA LYS A 166 -19.37 -1.90 -4.99
C LYS A 166 -18.99 -0.91 -3.88
N ASN A 167 -17.82 -1.09 -3.27
CA ASN A 167 -17.37 -0.30 -2.08
C ASN A 167 -16.97 1.12 -2.54
N LEU A 168 -16.43 1.30 -3.75
CA LEU A 168 -16.20 2.66 -4.33
C LEU A 168 -17.55 3.36 -4.49
N LYS A 169 -18.61 2.63 -4.85
CA LYS A 169 -19.99 3.16 -5.00
C LYS A 169 -20.50 3.65 -3.63
N THR A 170 -20.42 2.79 -2.60
CA THR A 170 -20.82 3.11 -1.20
C THR A 170 -19.97 4.30 -0.69
N LEU A 171 -18.67 4.36 -1.04
CA LEU A 171 -17.74 5.47 -0.68
C LEU A 171 -18.25 6.81 -1.21
N GLN A 172 -18.67 6.84 -2.48
CA GLN A 172 -19.15 8.07 -3.16
C GLN A 172 -20.57 8.44 -2.68
N LYS A 173 -21.43 7.45 -2.42
CA LYS A 173 -22.83 7.67 -1.97
C LYS A 173 -22.86 8.28 -0.56
N ARG A 174 -21.83 8.02 0.26
CA ARG A 174 -21.70 8.51 1.67
C ARG A 174 -20.73 9.69 1.74
N ASP A 175 -20.17 10.13 0.59
CA ASP A 175 -19.37 11.37 0.41
C ASP A 175 -18.04 11.28 1.19
N SER A 176 -17.47 10.06 1.28
CA SER A 176 -16.08 9.79 1.76
C SER A 176 -15.10 9.85 0.58
N PHE A 177 -13.86 10.28 0.82
CA PHE A 177 -12.76 10.33 -0.19
C PHE A 177 -11.86 9.11 -0.04
N ILE A 178 -10.93 8.94 -0.99
CA ILE A 178 -9.67 8.14 -0.88
C ILE A 178 -8.50 8.99 -1.40
N GLY A 179 -8.71 10.29 -1.68
CA GLY A 179 -7.66 11.28 -1.98
C GLY A 179 -7.34 11.40 -3.46
N THR A 180 -6.66 12.48 -3.86
CA THR A 180 -6.23 12.72 -5.26
C THR A 180 -5.26 11.60 -5.66
N PRO A 181 -5.45 10.94 -6.82
CA PRO A 181 -4.68 9.76 -7.18
C PRO A 181 -3.33 10.08 -7.88
N TYR A 182 -2.41 10.71 -7.14
CA TYR A 182 -1.07 11.10 -7.64
C TYR A 182 -0.25 9.89 -8.13
N TRP A 183 -0.53 8.67 -7.63
CA TRP A 183 0.29 7.45 -7.90
C TRP A 183 -0.27 6.63 -9.07
N MET A 184 -1.38 7.05 -9.66
CA MET A 184 -2.16 6.25 -10.65
C MET A 184 -1.45 6.19 -12.00
N ALA A 185 -1.44 5.02 -12.63
CA ALA A 185 -0.82 4.80 -13.96
C ALA A 185 -1.58 5.63 -15.00
N PRO A 186 -0.84 6.16 -16.01
CA PRO A 186 -1.44 7.02 -17.02
C PRO A 186 -2.60 6.37 -17.79
N GLU A 187 -2.52 5.06 -18.04
CA GLU A 187 -3.50 4.35 -18.92
C GLU A 187 -4.86 4.26 -18.23
N VAL A 188 -4.94 4.46 -16.90
CA VAL A 188 -6.20 4.28 -16.13
C VAL A 188 -6.48 5.48 -15.22
N VAL A 189 -5.85 6.64 -15.45
CA VAL A 189 -6.01 7.81 -14.54
C VAL A 189 -7.43 8.42 -14.70
N MET A 190 -8.07 8.26 -15.87
CA MET A 190 -9.41 8.83 -16.12
C MET A 190 -10.51 7.83 -15.73
N CYS A 191 -10.13 6.66 -15.22
CA CYS A 191 -11.03 5.50 -14.98
C CYS A 191 -11.59 5.54 -13.56
N GLU A 192 -12.89 5.36 -13.43
CA GLU A 192 -13.57 5.09 -12.14
C GLU A 192 -13.30 3.62 -11.78
N THR A 193 -13.59 2.71 -12.70
CA THR A 193 -13.25 1.26 -12.64
C THR A 193 -12.55 0.85 -13.94
N MET A 194 -11.65 -0.15 -13.84
CA MET A 194 -10.74 -0.58 -14.93
C MET A 194 -11.23 -1.90 -15.52
N LYS A 195 -11.08 -2.07 -16.83
CA LYS A 195 -11.36 -3.35 -17.53
C LYS A 195 -10.36 -4.40 -17.02
N ASP A 196 -10.75 -5.67 -17.01
CA ASP A 196 -9.81 -6.84 -17.01
C ASP A 196 -9.06 -6.85 -18.34
N THR A 197 -7.73 -6.74 -18.31
CA THR A 197 -6.85 -6.78 -19.52
C THR A 197 -5.55 -7.52 -19.18
N PRO A 198 -4.83 -8.09 -20.17
CA PRO A 198 -3.57 -8.78 -19.89
C PRO A 198 -2.53 -7.93 -19.14
N TYR A 199 -2.50 -6.61 -19.36
CA TYR A 199 -1.50 -5.70 -18.73
C TYR A 199 -2.12 -4.84 -17.62
N ASP A 200 -3.31 -5.17 -17.12
CA ASP A 200 -3.92 -4.46 -15.95
C ASP A 200 -2.90 -4.39 -14.80
N TYR A 201 -2.24 -5.49 -14.50
CA TYR A 201 -1.35 -5.62 -13.30
C TYR A 201 -0.14 -4.68 -13.42
N LYS A 202 0.22 -4.24 -14.63
CA LYS A 202 1.35 -3.29 -14.88
C LYS A 202 1.09 -1.94 -14.21
N ALA A 203 -0.16 -1.60 -13.90
CA ALA A 203 -0.53 -0.33 -13.25
C ALA A 203 0.22 -0.19 -11.91
N ASP A 204 0.38 -1.29 -11.15
CA ASP A 204 1.09 -1.26 -9.85
C ASP A 204 2.57 -0.92 -10.06
N ILE A 205 3.15 -1.28 -11.21
CA ILE A 205 4.60 -1.00 -11.46
C ILE A 205 4.80 0.51 -11.58
N TRP A 206 3.92 1.20 -12.30
CA TRP A 206 3.96 2.68 -12.38
C TRP A 206 3.84 3.25 -10.97
N SER A 207 2.87 2.77 -10.19
CA SER A 207 2.60 3.28 -8.82
C SER A 207 3.84 3.10 -7.95
N LEU A 208 4.55 1.97 -8.13
CA LEU A 208 5.81 1.69 -7.39
C LEU A 208 6.83 2.78 -7.73
N GLY A 209 7.00 3.10 -9.01
CA GLY A 209 7.90 4.19 -9.45
C GLY A 209 7.58 5.51 -8.77
N ILE A 210 6.30 5.91 -8.75
CA ILE A 210 5.85 7.17 -8.09
C ILE A 210 6.14 7.07 -6.58
N THR A 211 5.91 5.89 -5.97
CA THR A 211 6.12 5.67 -4.52
C THR A 211 7.58 5.95 -4.19
N LEU A 212 8.50 5.49 -5.05
CA LEU A 212 9.96 5.71 -4.87
C LEU A 212 10.25 7.20 -4.89
N ILE A 213 9.66 7.95 -5.81
CA ILE A 213 9.87 9.44 -5.90
C ILE A 213 9.32 10.10 -4.64
N GLU A 214 8.12 9.70 -4.21
CA GLU A 214 7.49 10.20 -2.97
C GLU A 214 8.44 9.96 -1.78
N MET A 215 9.09 8.81 -1.74
CA MET A 215 10.03 8.47 -0.62
C MET A 215 11.31 9.31 -0.72
N ALA A 216 11.75 9.62 -1.95
CA ALA A 216 12.96 10.43 -2.21
C ALA A 216 12.72 11.91 -1.88
N GLN A 217 11.52 12.43 -2.16
CA GLN A 217 11.25 13.90 -2.18
C GLN A 217 10.10 14.25 -1.24
N ILE A 218 9.65 13.30 -0.41
CA ILE A 218 8.56 13.41 0.62
C ILE A 218 7.19 13.46 -0.06
N GLU A 219 7.03 14.18 -1.16
CA GLU A 219 5.72 14.32 -1.85
C GLU A 219 5.80 13.71 -3.24
N PRO A 220 4.66 13.23 -3.79
CA PRO A 220 4.62 12.71 -5.15
C PRO A 220 4.67 13.84 -6.17
N PRO A 221 4.94 13.56 -7.47
CA PRO A 221 4.86 14.59 -8.50
C PRO A 221 3.46 15.21 -8.58
N HIS A 222 3.38 16.46 -9.04
CA HIS A 222 2.13 17.23 -9.29
C HIS A 222 1.37 17.49 -7.98
N HIS A 223 2.04 17.45 -6.83
CA HIS A 223 1.39 17.39 -5.50
C HIS A 223 0.42 18.57 -5.32
N GLU A 224 0.73 19.77 -5.81
CA GLU A 224 -0.13 20.95 -5.52
C GLU A 224 -1.04 21.29 -6.70
N LEU A 225 -1.04 20.51 -7.79
CA LEU A 225 -1.90 20.81 -8.95
C LEU A 225 -3.36 20.61 -8.52
N ASN A 226 -4.28 21.36 -9.14
CA ASN A 226 -5.73 21.06 -9.05
C ASN A 226 -5.92 19.56 -9.30
N PRO A 227 -6.68 18.83 -8.44
CA PRO A 227 -6.82 17.38 -8.60
C PRO A 227 -7.25 16.91 -10.00
N MET A 228 -8.12 17.66 -10.69
CA MET A 228 -8.52 17.38 -12.11
C MET A 228 -7.33 17.63 -13.06
N ARG A 229 -6.52 18.66 -12.78
CA ARG A 229 -5.27 18.95 -13.53
C ARG A 229 -4.23 17.87 -13.27
N VAL A 230 -4.23 17.25 -12.09
CA VAL A 230 -3.32 16.10 -11.78
C VAL A 230 -3.60 14.98 -12.78
N LEU A 231 -4.87 14.64 -13.00
CA LEU A 231 -5.26 13.54 -13.92
C LEU A 231 -4.67 13.84 -15.30
N LEU A 232 -4.85 15.07 -15.78
CA LEU A 232 -4.36 15.51 -17.12
C LEU A 232 -2.84 15.42 -17.18
N LYS A 233 -2.16 15.89 -16.13
CA LYS A 233 -0.68 15.97 -16.04
C LYS A 233 -0.10 14.55 -16.07
N ILE A 234 -0.67 13.63 -15.30
CA ILE A 234 -0.21 12.22 -15.30
C ILE A 234 -0.31 11.67 -16.73
N ALA A 235 -1.43 11.90 -17.42
CA ALA A 235 -1.68 11.36 -18.77
C ALA A 235 -0.75 12.02 -19.80
N LYS A 236 -0.56 13.34 -19.72
CA LYS A 236 0.06 14.16 -20.80
C LYS A 236 1.55 14.36 -20.59
N SER A 237 2.01 14.48 -19.34
CA SER A 237 3.41 14.86 -19.02
C SER A 237 4.35 13.71 -19.37
N ASP A 238 5.58 14.04 -19.75
CA ASP A 238 6.69 13.06 -19.74
C ASP A 238 6.74 12.40 -18.37
N PRO A 239 7.17 11.13 -18.29
CA PRO A 239 7.28 10.45 -16.99
C PRO A 239 8.07 11.34 -16.06
N PRO A 240 7.71 11.38 -14.77
CA PRO A 240 8.48 12.17 -13.80
C PRO A 240 9.88 11.60 -13.55
N THR A 241 10.82 12.50 -13.27
CA THR A 241 12.23 12.21 -12.91
C THR A 241 12.50 12.87 -11.55
N LEU A 242 13.58 12.45 -10.89
CA LEU A 242 14.01 13.04 -9.59
C LEU A 242 14.44 14.49 -9.87
N LEU A 243 14.08 15.41 -8.97
CA LEU A 243 14.30 16.87 -9.12
C LEU A 243 15.78 17.17 -9.27
N THR A 244 16.62 16.51 -8.47
CA THR A 244 18.09 16.74 -8.44
C THR A 244 18.79 15.43 -8.78
N PRO A 245 18.93 15.11 -10.09
CA PRO A 245 19.43 13.80 -10.50
C PRO A 245 20.85 13.53 -9.96
N SER A 246 21.66 14.58 -9.80
CA SER A 246 23.05 14.51 -9.28
C SER A 246 23.09 13.98 -7.84
N LYS A 247 21.98 14.01 -7.10
CA LYS A 247 21.90 13.56 -5.68
C LYS A 247 21.62 12.05 -5.61
N TRP A 248 21.35 11.39 -6.73
CA TRP A 248 20.91 9.97 -6.76
C TRP A 248 21.78 9.20 -7.76
N SER A 249 21.99 7.91 -7.51
CA SER A 249 22.83 7.04 -8.36
C SER A 249 22.23 6.94 -9.75
N VAL A 250 23.06 6.64 -10.74
CA VAL A 250 22.61 6.34 -12.13
C VAL A 250 21.63 5.17 -12.07
N GLU A 251 21.88 4.21 -11.18
CA GLU A 251 21.09 2.96 -11.05
C GLU A 251 19.65 3.31 -10.60
N PHE A 252 19.50 4.20 -9.62
CA PHE A 252 18.17 4.66 -9.13
C PHE A 252 17.46 5.34 -10.31
N ARG A 253 18.12 6.30 -10.98
CA ARG A 253 17.48 7.07 -12.08
C ARG A 253 17.10 6.13 -13.25
N ASP A 254 17.96 5.17 -13.56
CA ASP A 254 17.70 4.20 -14.66
C ASP A 254 16.49 3.33 -14.32
N PHE A 255 16.43 2.84 -13.08
CA PHE A 255 15.31 2.02 -12.57
C PHE A 255 13.99 2.78 -12.74
N LEU A 256 13.96 4.04 -12.30
CA LEU A 256 12.76 4.90 -12.42
C LEU A 256 12.38 5.05 -13.90
N ALA A 257 13.38 5.27 -14.77
CA ALA A 257 13.15 5.52 -16.21
C ALA A 257 12.52 4.28 -16.87
N ILE A 258 12.89 3.07 -16.45
CA ILE A 258 12.33 1.84 -17.07
C ILE A 258 10.96 1.53 -16.44
N ALA A 259 10.79 1.75 -15.14
CA ALA A 259 9.52 1.53 -14.39
C ALA A 259 8.43 2.50 -14.88
N LEU A 260 8.75 3.80 -14.99
CA LEU A 260 7.75 4.85 -15.32
C LEU A 260 7.66 4.94 -16.85
N ASP A 261 7.33 3.83 -17.48
CA ASP A 261 6.97 3.68 -18.90
C ASP A 261 5.47 3.93 -19.03
N LYS A 262 5.06 4.90 -19.85
CA LYS A 262 3.63 5.26 -20.01
C LYS A 262 2.89 4.13 -20.74
N ASN A 263 3.60 3.30 -21.50
CA ASN A 263 3.03 2.15 -22.25
C ASN A 263 3.02 0.94 -21.32
N PRO A 264 1.83 0.44 -20.90
CA PRO A 264 1.77 -0.70 -20.00
C PRO A 264 2.29 -2.02 -20.58
N GLU A 265 2.26 -2.20 -21.91
CA GLU A 265 2.81 -3.41 -22.56
C GLU A 265 4.33 -3.47 -22.32
N THR A 266 5.06 -2.38 -22.61
CA THR A 266 6.54 -2.36 -22.59
C THR A 266 7.03 -2.18 -21.14
N ARG A 267 6.19 -1.65 -20.25
CA ARG A 267 6.53 -1.48 -18.81
C ARG A 267 6.97 -2.82 -18.26
N PRO A 268 8.10 -2.91 -17.54
CA PRO A 268 8.55 -4.19 -16.99
C PRO A 268 7.59 -4.72 -15.91
N SER A 269 7.56 -6.05 -15.76
CA SER A 269 6.96 -6.77 -14.63
C SER A 269 7.85 -6.61 -13.40
N ALA A 270 7.30 -6.92 -12.22
CA ALA A 270 8.05 -7.00 -10.96
C ALA A 270 9.22 -7.97 -11.12
N ALA A 271 9.01 -9.14 -11.74
CA ALA A 271 10.04 -10.19 -11.90
C ALA A 271 11.20 -9.62 -12.71
N GLN A 272 10.91 -8.89 -13.77
CA GLN A 272 11.94 -8.27 -14.65
C GLN A 272 12.70 -7.21 -13.86
N LEU A 273 12.01 -6.41 -13.05
CA LEU A 273 12.63 -5.31 -12.30
C LEU A 273 13.47 -5.87 -11.14
N LEU A 274 13.19 -7.07 -10.65
CA LEU A 274 14.01 -7.73 -9.59
C LEU A 274 15.44 -8.04 -10.09
N GLU A 275 15.64 -8.05 -11.41
CA GLU A 275 16.97 -8.34 -12.03
C GLU A 275 17.77 -7.03 -12.18
N HIS A 276 17.16 -5.88 -11.91
CA HIS A 276 17.82 -4.56 -12.12
C HIS A 276 18.87 -4.34 -11.03
N PRO A 277 20.05 -3.79 -11.36
CA PRO A 277 21.12 -3.59 -10.38
C PRO A 277 20.77 -2.73 -9.15
N PHE A 278 19.76 -1.87 -9.27
CA PHE A 278 19.23 -1.05 -8.15
C PHE A 278 18.76 -1.94 -6.98
N VAL A 279 18.33 -3.17 -7.27
CA VAL A 279 17.69 -4.06 -6.25
C VAL A 279 18.28 -5.48 -6.23
N SER A 280 18.99 -5.94 -7.27
CA SER A 280 19.37 -7.37 -7.43
C SER A 280 20.35 -7.82 -6.33
N SER A 281 21.05 -6.89 -5.68
CA SER A 281 22.07 -7.19 -4.63
C SER A 281 21.64 -6.71 -3.24
N ILE A 282 20.37 -6.36 -3.06
CA ILE A 282 19.86 -5.92 -1.72
C ILE A 282 19.54 -7.16 -0.89
N THR A 283 20.42 -7.47 0.07
CA THR A 283 20.39 -8.73 0.88
C THR A 283 20.32 -8.42 2.38
N SER A 284 20.10 -7.15 2.76
CA SER A 284 20.03 -6.70 4.18
C SER A 284 18.93 -5.65 4.31
N ASN A 285 18.19 -5.70 5.41
CA ASN A 285 17.13 -4.70 5.72
C ASN A 285 17.66 -3.69 6.76
N LYS A 286 18.99 -3.67 7.01
CA LYS A 286 19.58 -2.88 8.11
C LYS A 286 19.23 -1.39 7.94
N ALA A 287 19.37 -0.84 6.74
CA ALA A 287 19.07 0.58 6.43
C ALA A 287 17.68 0.96 6.98
N LEU A 288 16.68 0.08 6.79
CA LEU A 288 15.27 0.31 7.21
C LEU A 288 15.11 0.07 8.70
N ARG A 289 15.77 -0.96 9.23
CA ARG A 289 15.78 -1.27 10.68
C ARG A 289 16.18 -0.01 11.45
N GLU A 290 17.22 0.68 10.97
CA GLU A 290 17.82 1.87 11.63
C GLU A 290 16.88 3.07 11.48
N LEU A 291 16.21 3.18 10.33
CA LEU A 291 15.23 4.27 10.07
C LEU A 291 14.07 4.15 11.06
N VAL A 292 13.52 2.95 11.19
CA VAL A 292 12.39 2.68 12.13
C VAL A 292 12.85 2.95 13.56
N ALA A 293 14.10 2.62 13.91
CA ALA A 293 14.69 2.87 15.24
C ALA A 293 14.76 4.38 15.51
N GLU A 294 15.19 5.16 14.52
CA GLU A 294 15.22 6.65 14.57
C GLU A 294 13.83 7.22 14.85
N ALA A 295 12.82 6.80 14.09
CA ALA A 295 11.43 7.34 14.17
C ALA A 295 10.83 6.98 15.54
N LYS A 296 11.02 5.75 16.01
CA LYS A 296 10.47 5.21 17.29
C LYS A 296 11.05 6.04 18.46
N ALA A 297 12.30 6.49 18.33
CA ALA A 297 12.98 7.40 19.29
C ALA A 297 12.24 8.74 19.34
N GLU A 298 11.86 9.32 18.18
CA GLU A 298 11.14 10.62 18.10
C GLU A 298 9.69 10.42 18.57
#